data_9BXF
#
_entry.id   9BXF
#
_cell.length_a   61.479
_cell.length_b   66.191
_cell.length_c   90.873
_cell.angle_alpha   90.00
_cell.angle_beta   90.00
_cell.angle_gamma   90.00
#
_symmetry.space_group_name_H-M   'P 21 21 21'
#
loop_
_entity.id
_entity.type
_entity.pdbx_description
1 polymer 'HIV-1 LM/HS clade A/E CRF01 gp120 core'
2 non-polymer 2-acetamido-2-deoxy-beta-D-glucopyranose
3 non-polymer '4-(2-HYDROXYETHYL)-1-PIPERAZINE ETHANESULFONIC ACID'
4 non-polymer (3S)-1-[4-(2-carbamimidamidoethyl)piperazine-1-carbonyl]-N-(4-chloro-3-fluorophenyl)piperidine-3-carboxamide
5 water water
#
_entity_poly.entity_id   1
_entity_poly.type   'polypeptide(L)'
_entity_poly.pdbx_seq_one_letter_code
;VPVWKDADTTLFCASDAKAYETEVHNVWATHACVPTDPNPQEIHLENVTENFNMWKNNMVEQMHEDIISLWDQSLQPCVK
LTGGSVIKQACPKISFDPIPIHYCTPAGYVILKCNDKNFNGTGPCKNVSSVQCTHGIKPVVSTQLLLNGSLAEEEIIIRS
ENLTNNAKTIIVHLNKSVEINCTRPSNGGSGSGGDIRKAYCEINGTKWNKVLKQVTEKLKEHFNNKTIIFQPPSGGDLEI
TMHSFNCRGEFFYCNTTQLFNNTCIGNETMKGCNGTITLPCKIKQIINMWQGTGQAMYAPPIDGKINCVSNITGILLTRD
GGANNTSNETFRPGGGDMRDNWRSELYKYKVVQIE
;
_entity_poly.pdbx_strand_id   A
#
loop_
_chem_comp.id
_chem_comp.type
_chem_comp.name
_chem_comp.formula
A1AS8 non-polymer (3S)-1-[4-(2-carbamimidamidoethyl)piperazine-1-carbonyl]-N-(4-chloro-3-fluorophenyl)piperidine-3-carboxamide 'C20 H29 Cl F N7 O2'
EPE non-polymer '4-(2-HYDROXYETHYL)-1-PIPERAZINE ETHANESULFONIC ACID' 'C8 H18 N2 O4 S'
NAG D-saccharide, beta linking 2-acetamido-2-deoxy-beta-D-glucopyranose 'C8 H15 N O6'
#
# COMPACT_ATOMS: atom_id res chain seq x y z
N VAL A 3 -22.21 -24.50 4.29
CA VAL A 3 -22.92 -23.44 3.57
C VAL A 3 -22.51 -22.07 4.11
N TRP A 4 -22.75 -21.02 3.34
CA TRP A 4 -22.39 -19.67 3.77
C TRP A 4 -23.13 -18.66 2.91
N LYS A 5 -23.08 -17.40 3.36
CA LYS A 5 -23.66 -16.28 2.65
C LYS A 5 -22.71 -15.11 2.69
N ASP A 6 -22.59 -14.44 1.55
CA ASP A 6 -21.82 -13.21 1.49
C ASP A 6 -22.33 -12.25 2.55
N ALA A 7 -21.49 -11.99 3.55
CA ALA A 7 -21.93 -11.26 4.74
C ALA A 7 -20.84 -10.32 5.22
N ASP A 8 -21.28 -9.28 5.90
CA ASP A 8 -20.42 -8.28 6.49
C ASP A 8 -20.68 -8.21 7.99
N THR A 9 -19.62 -8.09 8.78
CA THR A 9 -19.76 -8.03 10.23
C THR A 9 -18.71 -7.07 10.78
N THR A 10 -18.42 -7.19 12.08
CA THR A 10 -17.41 -6.39 12.77
C THR A 10 -16.33 -7.34 13.25
N LEU A 11 -15.14 -7.24 12.66
CA LEU A 11 -14.08 -8.18 12.96
C LEU A 11 -13.22 -7.63 14.09
N PHE A 12 -12.31 -8.46 14.58
CA PHE A 12 -11.30 -8.06 15.55
C PHE A 12 -9.92 -8.34 14.97
N CYS A 13 -8.90 -7.79 15.62
CA CYS A 13 -7.55 -7.82 15.08
C CYS A 13 -6.61 -8.56 16.02
N ALA A 14 -5.51 -9.05 15.45
CA ALA A 14 -4.48 -9.76 16.19
C ALA A 14 -3.11 -9.35 15.68
N SER A 15 -2.12 -9.45 16.56
CA SER A 15 -0.77 -9.01 16.27
C SER A 15 0.15 -9.53 17.36
N ASP A 16 1.43 -9.60 17.04
CA ASP A 16 2.47 -10.00 17.99
C ASP A 16 3.09 -8.78 18.64
N ALA A 17 2.27 -7.82 19.03
CA ALA A 17 2.79 -6.59 19.62
C ALA A 17 3.52 -6.90 20.93
N LYS A 18 4.71 -6.30 21.07
CA LYS A 18 5.54 -6.43 22.27
C LYS A 18 5.06 -5.41 23.29
N ALA A 19 4.33 -5.88 24.30
CA ALA A 19 3.69 -5.01 25.29
C ALA A 19 4.77 -4.48 26.23
N TYR A 20 5.56 -3.56 25.70
CA TYR A 20 6.51 -2.82 26.52
C TYR A 20 7.12 -1.74 25.63
N GLU A 21 7.04 -1.96 24.32
CA GLU A 21 7.64 -1.06 23.35
C GLU A 21 6.87 0.26 23.28
N THR A 22 7.61 1.34 23.02
CA THR A 22 6.99 2.63 22.81
C THR A 22 6.58 2.87 21.36
N GLU A 23 7.08 2.05 20.44
CA GLU A 23 6.65 2.10 19.05
C GLU A 23 5.13 2.24 18.98
N VAL A 24 4.68 3.21 18.20
CA VAL A 24 3.26 3.56 18.19
C VAL A 24 2.40 2.36 17.82
N HIS A 25 2.80 1.63 16.77
CA HIS A 25 2.00 0.49 16.33
C HIS A 25 1.85 -0.55 17.44
N ASN A 26 2.97 -0.94 18.05
CA ASN A 26 2.91 -1.90 19.15
C ASN A 26 1.99 -1.40 20.26
N VAL A 27 2.12 -0.14 20.63
CA VAL A 27 1.30 0.41 21.70
C VAL A 27 -0.18 0.36 21.32
N TRP A 28 -0.50 0.63 20.06
CA TRP A 28 -1.88 0.61 19.62
C TRP A 28 -2.41 -0.81 19.49
N ALA A 29 -1.64 -1.70 18.87
CA ALA A 29 -2.05 -3.09 18.74
C ALA A 29 -2.05 -3.81 20.08
N THR A 30 -1.29 -3.30 21.06
CA THR A 30 -1.29 -3.93 22.38
C THR A 30 -2.66 -3.81 23.04
N HIS A 31 -3.30 -2.65 22.92
CA HIS A 31 -4.56 -2.35 23.60
C HIS A 31 -5.78 -2.46 22.69
N ALA A 32 -5.57 -2.67 21.39
CA ALA A 32 -6.67 -2.75 20.43
C ALA A 32 -6.75 -4.07 19.69
N CYS A 33 -5.77 -4.96 19.86
CA CYS A 33 -5.78 -6.27 19.22
C CYS A 33 -5.50 -7.36 20.26
N VAL A 34 -5.89 -8.57 19.91
CA VAL A 34 -5.68 -9.73 20.79
C VAL A 34 -4.39 -10.43 20.37
N PRO A 35 -3.85 -11.32 21.19
CA PRO A 35 -2.65 -12.05 20.77
C PRO A 35 -2.92 -12.92 19.55
N THR A 36 -1.90 -13.03 18.70
CA THR A 36 -2.02 -13.85 17.51
C THR A 36 -2.43 -15.27 17.90
N ASP A 37 -3.34 -15.83 17.12
CA ASP A 37 -3.74 -17.22 17.32
C ASP A 37 -2.50 -18.10 17.36
N PRO A 38 -2.27 -18.85 18.44
CA PRO A 38 -1.09 -19.71 18.50
C PRO A 38 -1.24 -21.01 17.71
N ASN A 39 -2.45 -21.43 17.40
CA ASN A 39 -2.70 -22.70 16.72
C ASN A 39 -3.72 -22.49 15.62
N PRO A 40 -3.33 -21.81 14.55
CA PRO A 40 -4.25 -21.54 13.45
C PRO A 40 -4.19 -22.62 12.38
N GLN A 41 -5.26 -22.72 11.60
CA GLN A 41 -5.28 -23.80 10.63
C GLN A 41 -6.11 -23.46 9.41
N GLU A 42 -5.53 -23.69 8.24
CA GLU A 42 -6.29 -23.65 6.99
C GLU A 42 -7.05 -24.98 6.86
N ILE A 43 -8.35 -24.88 6.65
CA ILE A 43 -9.18 -26.03 6.36
C ILE A 43 -9.57 -25.93 4.89
N HIS A 44 -8.93 -26.75 4.06
CA HIS A 44 -9.05 -26.74 2.61
C HIS A 44 -10.45 -27.13 2.16
N LEU A 45 -11.18 -26.19 1.54
CA LEU A 45 -12.52 -26.46 1.01
C LEU A 45 -12.37 -27.11 -0.36
N GLU A 46 -12.30 -28.43 -0.34
CA GLU A 46 -12.00 -29.16 -1.57
C GLU A 46 -13.15 -29.01 -2.57
N ASN A 47 -12.77 -28.84 -3.82
CA ASN A 47 -13.71 -28.63 -4.93
C ASN A 47 -14.84 -27.67 -4.51
N VAL A 48 -14.45 -26.51 -4.02
CA VAL A 48 -15.36 -25.39 -3.80
C VAL A 48 -14.83 -24.23 -4.63
N THR A 49 -15.72 -23.59 -5.38
CA THR A 49 -15.37 -22.44 -6.21
C THR A 49 -16.29 -21.29 -5.84
N GLU A 50 -15.69 -20.26 -5.25
CA GLU A 50 -16.39 -19.07 -4.79
C GLU A 50 -15.85 -17.87 -5.54
N ASN A 51 -16.71 -16.88 -5.73
CA ASN A 51 -16.31 -15.65 -6.37
C ASN A 51 -15.73 -14.68 -5.36
N PHE A 52 -14.70 -13.95 -5.78
CA PHE A 52 -14.05 -12.97 -4.93
C PHE A 52 -14.23 -11.58 -5.54
N ASN A 53 -14.00 -10.56 -4.71
CA ASN A 53 -13.92 -9.19 -5.21
C ASN A 53 -13.26 -8.28 -4.20
N MET A 54 -12.08 -7.75 -4.54
CA MET A 54 -11.32 -6.87 -3.64
C MET A 54 -11.63 -5.39 -3.85
N TRP A 55 -12.26 -5.04 -4.96
CA TRP A 55 -12.64 -3.65 -5.22
C TRP A 55 -13.96 -3.29 -4.55
N LYS A 56 -14.74 -4.28 -4.10
CA LYS A 56 -15.93 -4.06 -3.28
C LYS A 56 -15.83 -5.02 -2.09
N ASN A 57 -15.04 -4.64 -1.09
CA ASN A 57 -14.78 -5.47 0.08
C ASN A 57 -14.86 -4.60 1.32
N ASN A 58 -15.68 -5.03 2.28
CA ASN A 58 -15.79 -4.29 3.54
C ASN A 58 -14.51 -4.38 4.36
N MET A 59 -13.77 -5.49 4.24
CA MET A 59 -12.55 -5.65 5.02
C MET A 59 -11.62 -4.47 4.81
N VAL A 60 -11.47 -4.04 3.56
CA VAL A 60 -10.66 -2.87 3.27
C VAL A 60 -11.09 -1.70 4.14
N GLU A 61 -12.40 -1.40 4.15
CA GLU A 61 -12.89 -0.27 4.92
C GLU A 61 -12.62 -0.45 6.40
N GLN A 62 -12.68 -1.70 6.90
CA GLN A 62 -12.44 -1.93 8.32
C GLN A 62 -10.97 -1.79 8.65
N MET A 63 -10.09 -2.10 7.69
CA MET A 63 -8.67 -1.84 7.92
C MET A 63 -8.40 -0.34 7.87
N HIS A 64 -9.09 0.38 6.98
CA HIS A 64 -8.92 1.82 6.89
C HIS A 64 -9.27 2.48 8.22
N GLU A 65 -10.40 2.12 8.82
CA GLU A 65 -10.78 2.72 10.10
C GLU A 65 -9.71 2.50 11.16
N ASP A 66 -9.05 1.34 11.14
CA ASP A 66 -7.99 1.10 12.13
C ASP A 66 -6.79 2.01 11.88
N ILE A 67 -6.32 2.09 10.64
CA ILE A 67 -5.12 2.86 10.34
C ILE A 67 -5.40 4.35 10.47
N ILE A 68 -6.63 4.78 10.20
CA ILE A 68 -7.02 6.14 10.52
C ILE A 68 -6.98 6.35 12.03
N SER A 69 -7.43 5.36 12.79
CA SER A 69 -7.42 5.46 14.26
C SER A 69 -6.00 5.40 14.81
N LEU A 70 -5.25 4.37 14.40
CA LEU A 70 -3.87 4.21 14.89
C LEU A 70 -3.06 5.49 14.68
N TRP A 71 -3.07 6.00 13.45
CA TRP A 71 -2.29 7.20 13.15
C TRP A 71 -2.74 8.37 14.00
N ASP A 72 -4.05 8.56 14.13
CA ASP A 72 -4.60 9.68 14.90
C ASP A 72 -4.31 9.55 16.38
N GLN A 73 -4.06 8.33 16.86
CA GLN A 73 -3.69 8.09 18.25
C GLN A 73 -2.21 8.30 18.52
N SER A 74 -1.38 8.30 17.49
CA SER A 74 0.07 8.24 17.67
C SER A 74 0.76 9.36 16.91
N LEU A 75 0.37 9.58 15.65
CA LEU A 75 1.02 10.57 14.79
C LEU A 75 0.18 11.85 14.82
N GLN A 76 0.31 12.59 15.92
CA GLN A 76 -0.49 13.80 16.10
C GLN A 76 0.24 14.99 15.51
N PRO A 77 -0.43 15.81 14.69
CA PRO A 77 0.23 17.00 14.15
C PRO A 77 0.15 18.18 15.10
N CYS A 78 1.26 18.94 15.15
CA CYS A 78 1.28 20.15 15.97
C CYS A 78 0.08 21.03 15.66
N VAL A 79 -0.34 21.07 14.40
CA VAL A 79 -1.44 21.93 13.97
C VAL A 79 -2.27 21.18 12.94
N LYS A 80 -3.60 21.27 13.09
CA LYS A 80 -4.55 20.67 12.16
C LYS A 80 -5.37 21.78 11.51
N LEU A 81 -5.07 22.08 10.25
CA LEU A 81 -5.87 23.02 9.47
C LEU A 81 -6.99 22.25 8.76
N THR A 82 -7.97 21.82 9.56
CA THR A 82 -9.13 21.06 9.05
C THR A 82 -10.27 22.02 8.71
N GLY A 83 -10.29 22.54 7.48
CA GLY A 83 -11.35 23.48 7.04
C GLY A 83 -11.51 24.64 8.01
N GLY A 84 -10.40 25.31 8.34
CA GLY A 84 -10.44 26.46 9.27
C GLY A 84 -10.23 26.05 10.71
N SER A 85 -10.99 25.06 11.18
CA SER A 85 -10.87 24.55 12.57
C SER A 85 -9.41 24.25 12.90
N VAL A 86 -8.56 25.30 12.93
CA VAL A 86 -7.14 25.13 13.22
C VAL A 86 -6.98 24.78 14.69
N ILE A 87 -6.25 23.69 14.96
CA ILE A 87 -6.10 23.14 16.30
C ILE A 87 -4.61 23.00 16.58
N LYS A 88 -4.14 23.73 17.59
CA LYS A 88 -2.78 23.57 18.11
C LYS A 88 -2.80 22.54 19.23
N GLN A 89 -1.86 21.60 19.20
CA GLN A 89 -1.83 20.55 20.19
C GLN A 89 -0.41 20.01 20.31
N ALA A 90 -0.25 18.95 21.11
CA ALA A 90 1.06 18.36 21.32
C ALA A 90 1.47 17.52 20.12
N CYS A 91 2.77 17.50 19.87
CA CYS A 91 3.30 16.71 18.77
C CYS A 91 4.71 16.21 19.07
N PRO A 92 4.91 15.38 20.09
CA PRO A 92 6.26 14.88 20.35
C PRO A 92 6.69 13.91 19.28
N LYS A 93 8.00 13.89 19.04
CA LYS A 93 8.57 12.90 18.13
C LYS A 93 8.47 11.51 18.73
N ILE A 94 8.20 10.52 17.88
CA ILE A 94 7.84 9.18 18.30
C ILE A 94 8.66 8.17 17.51
N SER A 95 8.43 6.89 17.83
CA SER A 95 9.05 5.78 17.13
C SER A 95 7.98 5.09 16.28
N PHE A 96 8.23 5.02 14.97
CA PHE A 96 7.23 4.64 13.97
C PHE A 96 7.81 3.55 13.08
N ASP A 97 7.29 2.32 13.21
CA ASP A 97 7.65 1.22 12.31
C ASP A 97 6.51 0.21 12.29
N PRO A 98 5.75 0.15 11.20
CA PRO A 98 4.55 -0.70 11.18
C PRO A 98 4.85 -2.16 11.48
N ILE A 99 3.95 -2.80 12.21
CA ILE A 99 4.04 -4.23 12.53
C ILE A 99 2.87 -4.94 11.84
N PRO A 100 2.92 -6.25 11.70
CA PRO A 100 1.82 -6.94 11.00
C PRO A 100 0.55 -6.97 11.84
N ILE A 101 -0.58 -6.82 11.16
CA ILE A 101 -1.89 -6.88 11.80
C ILE A 101 -2.70 -7.97 11.14
N HIS A 102 -3.49 -8.67 11.93
CA HIS A 102 -4.36 -9.73 11.47
C HIS A 102 -5.81 -9.31 11.68
N TYR A 103 -6.67 -9.75 10.77
CA TYR A 103 -8.09 -9.40 10.80
C TYR A 103 -8.90 -10.69 10.89
N CYS A 104 -9.49 -10.92 12.06
CA CYS A 104 -10.21 -12.15 12.39
C CYS A 104 -11.70 -11.87 12.45
N THR A 105 -12.52 -12.97 12.23
CA THR A 105 -13.96 -12.93 12.24
C THR A 105 -14.50 -13.39 13.59
N PRO A 106 -15.63 -12.86 14.03
CA PRO A 106 -16.29 -13.39 15.22
C PRO A 106 -17.00 -14.70 14.89
N ALA A 107 -17.30 -15.43 15.95
CA ALA A 107 -17.98 -16.71 15.80
C ALA A 107 -19.26 -16.52 15.00
N GLY A 108 -19.52 -17.45 14.08
CA GLY A 108 -20.62 -17.35 13.14
C GLY A 108 -20.20 -16.95 11.74
N TYR A 109 -18.97 -16.45 11.58
CA TYR A 109 -18.44 -16.06 10.29
C TYR A 109 -17.07 -16.68 10.11
N VAL A 110 -16.57 -16.62 8.88
CA VAL A 110 -15.22 -17.08 8.57
C VAL A 110 -14.68 -16.25 7.41
N ILE A 111 -13.37 -16.31 7.21
CA ILE A 111 -12.70 -15.67 6.09
C ILE A 111 -12.28 -16.75 5.11
N LEU A 112 -12.70 -16.59 3.86
CA LEU A 112 -12.32 -17.48 2.78
C LEU A 112 -11.13 -16.85 2.05
N LYS A 113 -10.04 -17.60 1.94
CA LYS A 113 -8.81 -17.10 1.37
C LYS A 113 -8.58 -17.77 0.02
N CYS A 114 -8.41 -16.97 -1.02
CA CYS A 114 -8.15 -17.48 -2.36
C CYS A 114 -6.66 -17.81 -2.47
N ASN A 115 -6.35 -19.09 -2.74
CA ASN A 115 -4.97 -19.55 -2.87
C ASN A 115 -4.57 -19.78 -4.32
N ASP A 116 -5.40 -19.36 -5.26
CA ASP A 116 -5.00 -19.37 -6.67
C ASP A 116 -3.74 -18.54 -6.84
N LYS A 117 -2.72 -19.10 -7.48
CA LYS A 117 -1.45 -18.40 -7.64
C LYS A 117 -1.56 -17.21 -8.59
N ASN A 118 -2.51 -17.22 -9.52
CA ASN A 118 -2.68 -16.14 -10.49
C ASN A 118 -3.97 -15.37 -10.25
N PHE A 119 -4.50 -15.40 -9.05
CA PHE A 119 -5.72 -14.67 -8.75
C PHE A 119 -5.47 -13.17 -8.90
N ASN A 120 -6.31 -12.51 -9.71
CA ASN A 120 -6.15 -11.08 -9.97
C ASN A 120 -7.02 -10.20 -9.07
N GLY A 121 -7.67 -10.78 -8.07
CA GLY A 121 -8.45 -9.97 -7.15
C GLY A 121 -9.95 -10.01 -7.38
N THR A 122 -10.36 -9.99 -8.65
CA THR A 122 -11.75 -10.11 -9.02
C THR A 122 -11.99 -11.45 -9.72
N GLY A 123 -13.27 -11.81 -9.83
CA GLY A 123 -13.64 -13.01 -10.53
C GLY A 123 -13.70 -14.23 -9.64
N PRO A 124 -13.63 -15.40 -10.23
CA PRO A 124 -13.76 -16.63 -9.46
C PRO A 124 -12.42 -17.21 -9.04
N CYS A 125 -12.46 -17.91 -7.92
CA CYS A 125 -11.31 -18.61 -7.38
C CYS A 125 -11.68 -20.08 -7.22
N LYS A 126 -10.74 -20.96 -7.58
CA LYS A 126 -10.98 -22.40 -7.55
C LYS A 126 -10.30 -23.11 -6.38
N ASN A 127 -9.32 -22.49 -5.74
CA ASN A 127 -8.59 -23.11 -4.64
C ASN A 127 -8.90 -22.37 -3.35
N VAL A 128 -10.13 -22.51 -2.90
CA VAL A 128 -10.61 -21.80 -1.72
C VAL A 128 -10.28 -22.62 -0.49
N SER A 129 -9.85 -21.91 0.56
CA SER A 129 -9.61 -22.47 1.87
C SER A 129 -10.12 -21.48 2.90
N SER A 130 -10.51 -22.00 4.07
CA SER A 130 -11.17 -21.21 5.08
C SER A 130 -10.23 -20.92 6.23
N VAL A 131 -10.27 -19.68 6.72
CA VAL A 131 -9.41 -19.21 7.79
C VAL A 131 -10.22 -18.34 8.74
N GLN A 132 -9.67 -18.16 9.93
CA GLN A 132 -10.25 -17.36 11.01
C GLN A 132 -9.59 -15.99 11.12
N CYS A 133 -8.30 -15.90 10.84
CA CYS A 133 -7.55 -14.67 10.83
C CYS A 133 -6.75 -14.59 9.55
N THR A 134 -6.66 -13.38 8.99
CA THR A 134 -5.81 -13.18 7.83
C THR A 134 -4.36 -13.39 8.23
N HIS A 135 -3.44 -12.94 7.39
CA HIS A 135 -2.01 -12.98 7.69
C HIS A 135 -1.58 -11.61 8.20
N GLY A 136 -0.40 -11.59 8.81
CA GLY A 136 0.19 -10.36 9.30
C GLY A 136 0.35 -9.31 8.22
N ILE A 137 -0.58 -8.35 8.18
CA ILE A 137 -0.55 -7.28 7.19
C ILE A 137 0.10 -6.05 7.82
N LYS A 138 1.00 -5.42 7.07
CA LYS A 138 1.73 -4.26 7.55
C LYS A 138 1.03 -3.00 7.05
N PRO A 139 0.52 -2.14 7.95
CA PRO A 139 -0.18 -0.94 7.46
C PRO A 139 0.78 0.11 6.92
N VAL A 140 1.30 -0.11 5.72
CA VAL A 140 2.27 0.78 5.12
C VAL A 140 1.53 1.89 4.39
N VAL A 141 1.79 3.12 4.77
CA VAL A 141 1.17 4.30 4.17
C VAL A 141 2.14 4.87 3.14
N SER A 142 1.75 4.87 1.87
CA SER A 142 2.63 5.36 0.82
C SER A 142 1.83 5.54 -0.46
N THR A 143 2.43 6.27 -1.40
CA THR A 143 1.87 6.45 -2.73
C THR A 143 2.85 6.03 -3.80
N GLN A 144 2.32 5.89 -5.02
CA GLN A 144 3.09 5.45 -6.19
C GLN A 144 3.62 4.04 -6.00
N LEU A 145 4.49 3.84 -5.02
CA LEU A 145 5.07 2.52 -4.78
C LEU A 145 4.51 1.89 -3.50
N LEU A 146 4.11 0.62 -3.60
CA LEU A 146 3.71 -0.15 -2.43
C LEU A 146 4.95 -0.75 -1.82
N LEU A 147 5.12 -0.55 -0.51
CA LEU A 147 6.33 -0.94 0.17
C LEU A 147 6.03 -1.97 1.27
N ASN A 148 6.93 -2.94 1.38
CA ASN A 148 6.96 -3.89 2.48
C ASN A 148 5.75 -4.84 2.47
N GLY A 149 5.20 -5.10 1.29
CA GLY A 149 4.03 -5.94 1.13
C GLY A 149 4.39 -7.35 0.71
N SER A 150 3.36 -8.09 0.28
CA SER A 150 3.57 -9.43 -0.26
C SER A 150 3.81 -9.35 -1.75
N LEU A 151 4.36 -10.43 -2.28
CA LEU A 151 4.74 -10.51 -3.68
C LEU A 151 3.95 -11.62 -4.35
N ALA A 152 3.60 -11.38 -5.61
CA ALA A 152 2.91 -12.38 -6.40
C ALA A 152 3.78 -13.62 -6.51
N GLU A 153 3.18 -14.78 -6.31
CA GLU A 153 3.92 -16.04 -6.29
C GLU A 153 4.12 -16.62 -7.68
N GLU A 154 3.95 -15.81 -8.72
CA GLU A 154 4.09 -16.32 -10.07
C GLU A 154 4.53 -15.21 -11.02
N GLU A 155 3.70 -14.91 -12.00
CA GLU A 155 3.94 -13.83 -12.95
C GLU A 155 3.31 -12.55 -12.42
N ILE A 156 3.73 -11.41 -12.99
CA ILE A 156 3.24 -10.13 -12.52
C ILE A 156 1.74 -10.03 -12.74
N ILE A 157 1.02 -9.69 -11.69
CA ILE A 157 -0.44 -9.58 -11.75
C ILE A 157 -0.83 -8.11 -11.89
N ILE A 158 -1.88 -7.87 -12.66
CA ILE A 158 -2.42 -6.53 -12.89
C ILE A 158 -3.84 -6.52 -12.33
N ARG A 159 -4.04 -5.76 -11.25
CA ARG A 159 -5.30 -5.70 -10.54
C ARG A 159 -6.02 -4.39 -10.83
N SER A 160 -7.31 -4.49 -11.13
CA SER A 160 -8.12 -3.33 -11.45
C SER A 160 -9.59 -3.74 -11.42
N GLU A 161 -10.43 -2.86 -10.89
CA GLU A 161 -11.88 -3.08 -10.89
C GLU A 161 -12.47 -3.10 -12.29
N ASN A 162 -11.73 -2.62 -13.29
CA ASN A 162 -12.18 -2.60 -14.67
C ASN A 162 -11.12 -1.95 -15.53
N LEU A 163 -10.24 -2.79 -16.11
CA LEU A 163 -9.12 -2.27 -16.87
C LEU A 163 -9.58 -1.28 -17.93
N THR A 164 -10.78 -1.50 -18.47
CA THR A 164 -11.28 -0.64 -19.53
C THR A 164 -11.54 0.77 -19.03
N ASN A 165 -12.25 0.90 -17.91
CA ASN A 165 -12.40 2.21 -17.29
C ASN A 165 -11.03 2.71 -16.87
N ASN A 166 -10.62 3.84 -17.46
CA ASN A 166 -9.31 4.42 -17.16
C ASN A 166 -9.29 5.14 -15.82
N ALA A 167 -10.46 5.53 -15.29
CA ALA A 167 -10.51 6.20 -13.99
C ALA A 167 -10.26 5.25 -12.84
N LYS A 168 -10.50 3.95 -13.02
CA LYS A 168 -10.24 2.98 -11.98
C LYS A 168 -8.75 2.65 -11.93
N THR A 169 -8.19 2.65 -10.73
CA THR A 169 -6.75 2.58 -10.57
C THR A 169 -6.22 1.17 -10.82
N ILE A 170 -5.00 1.10 -11.35
CA ILE A 170 -4.36 -0.17 -11.69
C ILE A 170 -3.32 -0.49 -10.63
N ILE A 171 -3.46 -1.64 -9.97
CA ILE A 171 -2.50 -2.11 -8.99
C ILE A 171 -1.64 -3.20 -9.64
N VAL A 172 -0.33 -3.06 -9.51
CA VAL A 172 0.62 -3.99 -10.08
C VAL A 172 1.28 -4.75 -8.95
N HIS A 173 1.04 -6.05 -8.88
CA HIS A 173 1.63 -6.89 -7.85
C HIS A 173 2.88 -7.53 -8.42
N LEU A 174 4.04 -7.00 -8.04
CA LEU A 174 5.31 -7.51 -8.52
C LEU A 174 5.57 -8.89 -7.93
N ASN A 175 6.27 -9.74 -8.69
CA ASN A 175 6.75 -11.02 -8.18
C ASN A 175 8.20 -10.96 -7.72
N LYS A 176 8.82 -9.77 -7.75
CA LYS A 176 10.16 -9.61 -7.23
C LYS A 176 10.32 -8.21 -6.69
N SER A 177 10.83 -8.09 -5.47
CA SER A 177 10.93 -6.80 -4.80
C SER A 177 12.19 -6.07 -5.24
N VAL A 178 12.12 -4.74 -5.20
CA VAL A 178 13.24 -3.88 -5.56
C VAL A 178 13.52 -2.98 -4.38
N GLU A 179 14.67 -3.19 -3.73
CA GLU A 179 15.01 -2.42 -2.55
C GLU A 179 15.18 -0.94 -2.89
N ILE A 180 14.45 -0.09 -2.16
CA ILE A 180 14.61 1.37 -2.23
C ILE A 180 15.11 1.83 -0.88
N ASN A 181 16.27 2.51 -0.89
CA ASN A 181 17.02 2.84 0.31
C ASN A 181 17.10 4.36 0.44
N CYS A 182 16.37 4.92 1.39
CA CYS A 182 16.21 6.36 1.55
C CYS A 182 16.91 6.83 2.82
N THR A 183 17.48 8.03 2.79
CA THR A 183 18.27 8.51 3.91
C THR A 183 18.20 10.03 4.02
N ARG A 184 18.31 10.52 5.25
CA ARG A 184 18.49 11.94 5.52
C ARG A 184 19.80 12.11 6.25
N PRO A 185 20.86 12.56 5.59
CA PRO A 185 22.18 12.58 6.23
C PRO A 185 22.18 13.35 7.53
N SER A 186 23.09 12.95 8.42
CA SER A 186 23.19 13.54 9.74
C SER A 186 23.70 14.98 9.67
N ASN A 187 23.37 15.76 10.68
CA ASN A 187 23.76 17.16 10.75
C ASN A 187 23.38 17.87 9.46
N ASP A 195 20.79 22.10 4.96
CA ASP A 195 19.37 21.76 4.86
C ASP A 195 19.09 20.39 5.48
N ILE A 196 18.20 20.37 6.48
CA ILE A 196 17.86 19.14 7.17
C ILE A 196 16.64 18.45 6.57
N ARG A 197 16.01 19.04 5.57
CA ARG A 197 14.87 18.44 4.88
C ARG A 197 15.27 17.76 3.58
N LYS A 198 16.47 18.05 3.08
CA LYS A 198 16.97 17.42 1.86
C LYS A 198 17.35 15.98 2.14
N ALA A 199 16.80 15.07 1.34
CA ALA A 199 17.11 13.65 1.45
C ALA A 199 17.10 13.05 0.06
N TYR A 200 17.31 11.73 -0.01
CA TYR A 200 17.39 11.05 -1.30
C TYR A 200 17.20 9.56 -1.11
N CYS A 201 16.70 8.91 -2.16
CA CYS A 201 16.50 7.47 -2.18
C CYS A 201 17.38 6.85 -3.25
N GLU A 202 18.08 5.80 -2.89
CA GLU A 202 18.92 5.06 -3.82
C GLU A 202 18.20 3.81 -4.27
N ILE A 203 18.11 3.62 -5.58
CA ILE A 203 17.50 2.42 -6.14
C ILE A 203 18.44 1.88 -7.22
N ASN A 204 18.67 0.57 -7.18
CA ASN A 204 19.48 -0.07 -8.21
C ASN A 204 18.78 0.07 -9.57
N GLY A 205 19.30 0.95 -10.42
CA GLY A 205 18.75 1.14 -11.76
C GLY A 205 18.74 -0.11 -12.61
N THR A 206 19.57 -1.11 -12.29
CA THR A 206 19.63 -2.30 -13.12
C THR A 206 18.47 -3.24 -12.82
N LYS A 207 18.06 -3.31 -11.55
CA LYS A 207 16.90 -4.15 -11.23
C LYS A 207 15.61 -3.43 -11.53
N TRP A 208 15.57 -2.10 -11.33
CA TRP A 208 14.34 -1.36 -11.55
C TRP A 208 13.86 -1.51 -12.99
N ASN A 209 14.72 -1.17 -13.95
CA ASN A 209 14.33 -1.24 -15.36
C ASN A 209 14.06 -2.68 -15.77
N LYS A 210 14.83 -3.63 -15.24
CA LYS A 210 14.53 -5.03 -15.46
C LYS A 210 13.08 -5.31 -15.08
N VAL A 211 12.71 -4.97 -13.84
CA VAL A 211 11.33 -5.19 -13.39
C VAL A 211 10.38 -4.27 -14.14
N LEU A 212 10.81 -3.05 -14.45
CA LEU A 212 9.96 -2.11 -15.18
C LEU A 212 9.68 -2.63 -16.58
N LYS A 213 10.70 -3.12 -17.28
CA LYS A 213 10.49 -3.81 -18.54
C LYS A 213 9.42 -4.89 -18.40
N GLN A 214 9.56 -5.76 -17.40
CA GLN A 214 8.62 -6.86 -17.21
C GLN A 214 7.19 -6.34 -17.07
N VAL A 215 7.01 -5.24 -16.35
CA VAL A 215 5.68 -4.68 -16.16
C VAL A 215 5.09 -4.26 -17.51
N THR A 216 5.89 -3.61 -18.34
CA THR A 216 5.44 -3.29 -19.70
C THR A 216 4.96 -4.55 -20.41
N GLU A 217 5.82 -5.58 -20.44
CA GLU A 217 5.46 -6.83 -21.09
C GLU A 217 4.10 -7.33 -20.63
N LYS A 218 3.91 -7.40 -19.31
CA LYS A 218 2.64 -7.83 -18.77
C LYS A 218 1.52 -6.85 -19.11
N LEU A 219 1.84 -5.56 -19.20
CA LEU A 219 0.82 -4.56 -19.53
C LEU A 219 0.39 -4.64 -20.98
N LYS A 220 1.29 -5.06 -21.87
CA LYS A 220 0.94 -5.24 -23.27
C LYS A 220 -0.11 -6.33 -23.43
N GLU A 221 -0.05 -7.37 -22.59
CA GLU A 221 -1.01 -8.46 -22.72
C GLU A 221 -2.44 -7.99 -22.49
N HIS A 222 -2.63 -7.02 -21.60
CA HIS A 222 -3.96 -6.56 -21.21
C HIS A 222 -4.53 -5.49 -22.13
N PHE A 223 -3.72 -4.99 -23.07
CA PHE A 223 -4.11 -3.87 -23.92
C PHE A 223 -3.84 -4.19 -25.37
N ASN A 224 -4.01 -5.45 -25.76
CA ASN A 224 -3.81 -5.88 -27.13
C ASN A 224 -2.39 -5.52 -27.58
N ASN A 225 -1.41 -6.12 -26.90
CA ASN A 225 0.00 -5.77 -27.02
C ASN A 225 0.18 -4.26 -26.90
N LYS A 226 0.19 -3.58 -28.04
CA LYS A 226 0.20 -2.13 -28.07
C LYS A 226 1.46 -1.51 -27.46
N THR A 227 1.57 -0.19 -27.56
CA THR A 227 2.71 0.55 -27.03
C THR A 227 2.39 1.07 -25.62
N ILE A 228 3.20 0.66 -24.66
CA ILE A 228 3.01 1.02 -23.26
C ILE A 228 4.14 1.97 -22.87
N ILE A 229 3.77 3.22 -22.57
CA ILE A 229 4.74 4.23 -22.19
C ILE A 229 4.42 4.74 -20.79
N PHE A 230 5.47 5.17 -20.09
CA PHE A 230 5.35 5.69 -18.74
C PHE A 230 5.65 7.19 -18.75
N GLN A 231 4.87 7.94 -17.98
CA GLN A 231 5.07 9.38 -17.83
C GLN A 231 4.79 9.75 -16.40
N PRO A 232 5.48 10.76 -15.87
CA PRO A 232 5.22 11.23 -14.48
C PRO A 232 3.78 11.68 -14.31
N PRO A 233 3.27 11.77 -13.08
CA PRO A 233 1.89 12.20 -12.91
C PRO A 233 1.70 13.59 -13.49
N SER A 234 0.47 13.83 -13.99
CA SER A 234 0.10 15.09 -14.63
C SER A 234 -0.76 15.87 -13.65
N GLY A 235 -0.11 16.66 -12.80
CA GLY A 235 -0.81 17.50 -11.86
C GLY A 235 -1.29 16.73 -10.66
N GLY A 236 -1.87 17.50 -9.75
CA GLY A 236 -2.37 16.97 -8.50
C GLY A 236 -1.54 17.48 -7.33
N ASP A 237 -1.96 17.04 -6.14
CA ASP A 237 -1.28 17.43 -4.92
C ASP A 237 0.06 16.73 -4.79
N LEU A 238 0.98 17.40 -4.09
CA LEU A 238 2.34 16.90 -3.98
C LEU A 238 2.39 15.47 -3.44
N GLU A 239 1.44 15.11 -2.58
CA GLU A 239 1.42 13.77 -2.01
C GLU A 239 1.37 12.69 -3.08
N ILE A 240 0.85 13.02 -4.27
CA ILE A 240 0.65 12.03 -5.33
C ILE A 240 1.64 12.19 -6.47
N THR A 241 2.14 13.41 -6.74
CA THR A 241 3.16 13.58 -7.77
C THR A 241 4.52 13.09 -7.31
N MET A 242 4.76 13.05 -6.01
CA MET A 242 5.98 12.50 -5.43
C MET A 242 5.64 11.20 -4.71
N HIS A 243 6.60 10.28 -4.68
CA HIS A 243 6.42 9.04 -3.92
C HIS A 243 6.46 9.40 -2.45
N SER A 244 5.29 9.58 -1.83
CA SER A 244 5.19 9.95 -0.44
C SER A 244 5.12 8.72 0.44
N PHE A 245 5.76 8.81 1.61
CA PHE A 245 5.81 7.72 2.57
C PHE A 245 6.33 8.28 3.88
N ASN A 246 6.08 7.54 4.94
CA ASN A 246 6.52 7.91 6.28
C ASN A 246 7.61 6.95 6.73
N CYS A 247 8.72 7.51 7.22
CA CYS A 247 9.88 6.75 7.64
C CYS A 247 10.36 7.30 8.98
N ARG A 248 10.38 6.45 10.00
CA ARG A 248 10.74 6.84 11.36
C ARG A 248 9.84 7.94 11.92
N GLY A 249 8.68 8.16 11.29
CA GLY A 249 7.76 9.19 11.68
C GLY A 249 7.76 10.41 10.78
N GLU A 250 8.83 10.63 10.03
CA GLU A 250 8.95 11.80 9.17
C GLU A 250 8.41 11.48 7.78
N PHE A 251 7.79 12.49 7.16
CA PHE A 251 7.18 12.35 5.86
C PHE A 251 8.20 12.66 4.77
N PHE A 252 8.53 11.64 3.97
CA PHE A 252 9.48 11.76 2.87
C PHE A 252 8.71 11.96 1.57
N TYR A 253 9.10 12.97 0.80
CA TYR A 253 8.57 13.23 -0.54
C TYR A 253 9.69 12.97 -1.53
N CYS A 254 9.46 12.07 -2.48
CA CYS A 254 10.50 11.65 -3.39
C CYS A 254 10.03 11.80 -4.83
N ASN A 255 10.87 12.41 -5.66
CA ASN A 255 10.56 12.65 -7.06
C ASN A 255 10.87 11.39 -7.86
N THR A 256 9.83 10.67 -8.26
CA THR A 256 9.96 9.47 -9.08
C THR A 256 9.95 9.78 -10.58
N THR A 257 10.61 10.88 -10.94
CA THR A 257 10.72 11.26 -12.38
C THR A 257 11.75 10.39 -13.08
N GLN A 258 12.76 9.93 -12.34
CA GLN A 258 13.83 9.07 -12.83
C GLN A 258 13.43 7.61 -12.95
N LEU A 259 12.25 7.24 -12.45
CA LEU A 259 11.77 5.87 -12.55
C LEU A 259 10.69 5.68 -13.61
N PHE A 260 9.87 6.70 -13.83
CA PHE A 260 8.75 6.67 -14.76
C PHE A 260 9.04 7.42 -16.03
N ASN A 261 10.31 7.53 -16.39
CA ASN A 261 10.75 7.88 -17.72
C ASN A 261 11.07 6.59 -18.46
N ASN A 262 10.94 6.63 -19.78
CA ASN A 262 11.20 5.49 -20.64
C ASN A 262 12.60 5.52 -21.24
N THR A 263 13.56 6.07 -20.50
CA THR A 263 14.94 6.06 -20.95
C THR A 263 15.43 4.65 -21.23
N CYS A 264 15.12 3.72 -20.33
CA CYS A 264 15.57 2.34 -20.48
C CYS A 264 14.42 1.37 -20.31
N GLY A 272 23.34 3.04 -21.56
CA GLY A 272 24.15 3.77 -20.59
C GLY A 272 23.35 4.32 -19.42
N CYS A 273 22.32 3.59 -19.02
CA CYS A 273 21.45 3.99 -17.91
C CYS A 273 21.09 2.73 -17.14
N ASN A 274 21.94 2.37 -16.15
CA ASN A 274 21.71 1.19 -15.33
C ASN A 274 22.66 1.15 -14.15
N GLY A 275 22.96 2.30 -13.57
CA GLY A 275 23.71 2.37 -12.34
C GLY A 275 22.80 2.51 -11.14
N THR A 276 23.30 3.21 -10.13
CA THR A 276 22.52 3.52 -8.94
C THR A 276 21.80 4.84 -9.17
N ILE A 277 20.48 4.79 -9.21
CA ILE A 277 19.67 5.96 -9.46
C ILE A 277 19.30 6.57 -8.12
N THR A 278 19.71 7.82 -7.92
CA THR A 278 19.48 8.55 -6.69
C THR A 278 18.33 9.52 -6.89
N LEU A 279 17.27 9.35 -6.11
CA LEU A 279 16.04 10.11 -6.18
C LEU A 279 16.09 11.28 -5.20
N PRO A 280 15.84 12.50 -5.66
CA PRO A 280 15.83 13.63 -4.72
C PRO A 280 14.59 13.59 -3.85
N CYS A 281 14.78 13.86 -2.56
CA CYS A 281 13.67 13.78 -1.62
C CYS A 281 13.74 14.95 -0.65
N LYS A 282 12.58 15.23 -0.05
CA LYS A 282 12.40 16.31 0.90
C LYS A 282 11.51 15.81 2.02
N ILE A 283 11.97 15.96 3.26
CA ILE A 283 11.11 15.71 4.42
C ILE A 283 10.20 16.91 4.60
N LYS A 284 8.90 16.68 4.42
CA LYS A 284 7.91 17.74 4.45
C LYS A 284 7.21 17.79 5.79
N GLN A 285 6.94 19.00 6.23
CA GLN A 285 6.29 19.27 7.50
C GLN A 285 4.80 19.45 7.36
N ILE A 286 4.37 20.20 6.35
CA ILE A 286 2.97 20.38 6.03
C ILE A 286 2.53 19.23 5.14
N ILE A 287 1.60 18.42 5.64
CA ILE A 287 1.16 17.21 4.96
C ILE A 287 -0.31 17.35 4.59
N ASN A 288 -0.65 16.92 3.38
CA ASN A 288 -2.03 16.86 2.93
C ASN A 288 -2.57 15.49 3.33
N MET A 289 -3.20 15.44 4.49
CA MET A 289 -3.45 14.17 5.16
C MET A 289 -4.16 13.18 4.24
N TRP A 290 -3.76 11.91 4.34
CA TRP A 290 -4.37 10.81 3.58
C TRP A 290 -5.66 10.31 4.20
N GLN A 291 -5.87 10.55 5.50
CA GLN A 291 -7.09 10.15 6.16
C GLN A 291 -8.30 10.95 5.73
N GLY A 292 -8.11 11.95 4.87
CA GLY A 292 -9.20 12.87 4.56
C GLY A 292 -8.96 14.30 4.99
N THR A 293 -10.06 15.00 5.26
CA THR A 293 -10.05 16.38 5.76
C THR A 293 -8.94 17.15 5.05
N GLY A 294 -8.01 17.79 5.77
CA GLY A 294 -7.16 18.77 5.12
C GLY A 294 -5.67 18.63 5.32
N GLN A 295 -5.08 19.66 5.92
CA GLN A 295 -3.64 19.75 6.10
C GLN A 295 -3.27 19.55 7.57
N ALA A 296 -1.98 19.35 7.79
CA ALA A 296 -1.47 19.18 9.15
C ALA A 296 0.03 19.46 9.16
N MET A 297 0.46 20.30 10.10
CA MET A 297 1.87 20.69 10.24
C MET A 297 2.52 19.86 11.34
N TYR A 298 3.75 19.44 11.10
CA TYR A 298 4.51 18.61 12.02
C TYR A 298 5.80 19.34 12.37
N ALA A 299 6.52 18.77 13.34
CA ALA A 299 7.76 19.40 13.79
C ALA A 299 8.91 18.97 12.89
N PRO A 300 10.02 19.71 12.91
CA PRO A 300 11.09 19.44 11.96
C PRO A 300 11.79 18.14 12.30
N PRO A 301 12.55 17.57 11.37
CA PRO A 301 13.05 16.21 11.55
C PRO A 301 13.98 16.08 12.75
N ILE A 302 14.05 14.85 13.26
CA ILE A 302 14.98 14.53 14.34
C ILE A 302 16.40 14.53 13.80
N ASP A 303 17.34 14.83 14.69
CA ASP A 303 18.75 14.80 14.32
C ASP A 303 19.23 13.36 14.16
N GLY A 304 20.19 13.18 13.27
CA GLY A 304 20.74 11.87 12.96
C GLY A 304 20.34 11.39 11.58
N LYS A 305 20.75 10.17 11.27
CA LYS A 305 20.50 9.56 9.97
C LYS A 305 19.10 8.94 9.97
N ILE A 306 18.24 9.42 9.08
CA ILE A 306 16.87 8.92 8.97
C ILE A 306 16.79 7.94 7.82
N ASN A 307 17.16 6.69 8.07
CA ASN A 307 17.31 5.69 7.02
C ASN A 307 16.19 4.67 7.08
N CYS A 308 15.65 4.34 5.92
CA CYS A 308 14.63 3.31 5.77
C CYS A 308 14.89 2.52 4.50
N VAL A 309 15.23 1.25 4.66
CA VAL A 309 15.35 0.32 3.55
C VAL A 309 14.04 -0.43 3.43
N SER A 310 13.42 -0.38 2.24
CA SER A 310 12.10 -0.94 2.02
C SER A 310 12.02 -1.66 0.69
N ASN A 311 11.18 -2.68 0.66
CA ASN A 311 10.87 -3.43 -0.55
C ASN A 311 9.74 -2.74 -1.32
N ILE A 312 9.99 -2.45 -2.60
CA ILE A 312 8.92 -2.13 -3.53
C ILE A 312 8.31 -3.45 -3.97
N THR A 313 7.02 -3.66 -3.66
CA THR A 313 6.31 -4.86 -4.05
C THR A 313 5.08 -4.58 -4.90
N GLY A 314 4.76 -3.32 -5.16
CA GLY A 314 3.65 -2.99 -6.05
C GLY A 314 3.78 -1.57 -6.56
N ILE A 315 2.93 -1.25 -7.53
CA ILE A 315 2.94 0.07 -8.16
C ILE A 315 1.50 0.56 -8.33
N LEU A 316 1.27 1.86 -8.04
CA LEU A 316 -0.04 2.48 -8.24
C LEU A 316 -0.03 3.21 -9.58
N LEU A 317 -0.81 2.69 -10.52
CA LEU A 317 -0.80 3.20 -11.88
C LEU A 317 -2.17 3.76 -12.23
N THR A 318 -2.16 4.78 -13.09
CA THR A 318 -3.38 5.40 -13.58
C THR A 318 -3.21 5.67 -15.07
N ARG A 319 -3.99 4.97 -15.88
CA ARG A 319 -3.85 5.09 -17.33
C ARG A 319 -4.51 6.36 -17.83
N ASP A 320 -3.88 6.96 -18.84
CA ASP A 320 -4.46 8.11 -19.50
C ASP A 320 -5.62 7.67 -20.37
N GLY A 321 -6.57 8.60 -20.55
CA GLY A 321 -7.73 8.37 -21.39
C GLY A 321 -7.63 9.10 -22.72
N GLY A 322 -8.39 8.62 -23.70
CA GLY A 322 -8.45 9.23 -25.00
C GLY A 322 -7.54 8.64 -26.06
N ALA A 323 -6.75 7.63 -25.72
CA ALA A 323 -5.89 6.95 -26.68
C ALA A 323 -6.62 5.87 -27.46
N ASN A 324 -7.95 5.87 -27.48
CA ASN A 324 -8.68 4.85 -28.20
C ASN A 324 -8.42 4.96 -29.70
N ASN A 325 -8.27 6.17 -30.20
CA ASN A 325 -7.95 6.40 -31.61
C ASN A 325 -6.46 6.38 -31.90
N THR A 326 -5.62 6.35 -30.86
CA THR A 326 -4.18 6.25 -31.01
C THR A 326 -3.75 4.80 -30.89
N SER A 327 -2.43 4.57 -30.78
CA SER A 327 -1.85 3.23 -30.80
C SER A 327 -0.92 3.03 -29.62
N ASN A 328 -1.26 3.60 -28.48
CA ASN A 328 -0.37 3.57 -27.33
C ASN A 328 -1.15 3.98 -26.08
N GLU A 329 -0.85 3.34 -24.95
CA GLU A 329 -1.44 3.67 -23.67
C GLU A 329 -0.40 4.27 -22.73
N THR A 330 -0.72 5.41 -22.15
CA THR A 330 0.17 6.06 -21.21
C THR A 330 -0.24 5.73 -19.78
N PHE A 331 0.77 5.52 -18.94
CA PHE A 331 0.57 5.12 -17.55
C PHE A 331 1.36 6.05 -16.64
N ARG A 332 0.70 6.52 -15.58
CA ARG A 332 1.29 7.45 -14.62
C ARG A 332 1.06 6.95 -13.20
N PRO A 333 2.03 7.13 -12.32
CA PRO A 333 1.86 6.64 -10.94
C PRO A 333 0.74 7.38 -10.22
N GLY A 334 -0.04 6.62 -9.46
CA GLY A 334 -1.14 7.20 -8.72
C GLY A 334 -0.96 7.11 -7.22
N GLY A 335 -2.09 7.02 -6.51
CA GLY A 335 -2.09 6.90 -5.08
C GLY A 335 -2.93 7.98 -4.43
N GLY A 336 -2.90 7.99 -3.10
CA GLY A 336 -3.69 8.90 -2.30
C GLY A 336 -4.93 8.27 -1.70
N ASP A 337 -5.37 7.13 -2.22
CA ASP A 337 -6.48 6.38 -1.64
C ASP A 337 -5.90 5.14 -0.98
N MET A 338 -5.50 5.29 0.28
CA MET A 338 -4.88 4.21 1.03
C MET A 338 -5.77 2.97 1.12
N ARG A 339 -7.04 3.13 0.74
CA ARG A 339 -7.91 1.97 0.61
C ARG A 339 -7.39 1.00 -0.44
N ASP A 340 -6.83 1.52 -1.52
CA ASP A 340 -6.17 0.66 -2.50
C ASP A 340 -4.83 0.15 -2.00
N ASN A 341 -4.33 0.66 -0.88
CA ASN A 341 -3.06 0.18 -0.35
C ASN A 341 -3.27 -1.11 0.46
N TRP A 342 -4.26 -1.12 1.35
CA TRP A 342 -4.62 -2.37 2.02
C TRP A 342 -5.22 -3.36 1.03
N ARG A 343 -6.04 -2.86 0.10
CA ARG A 343 -6.62 -3.68 -0.96
C ARG A 343 -5.62 -4.60 -1.64
N SER A 344 -4.33 -4.23 -1.63
CA SER A 344 -3.28 -4.97 -2.29
C SER A 344 -2.79 -6.18 -1.49
N GLU A 345 -3.24 -6.31 -0.24
CA GLU A 345 -2.93 -7.45 0.60
C GLU A 345 -4.18 -8.21 1.03
N LEU A 346 -5.34 -7.57 1.05
CA LEU A 346 -6.62 -8.16 1.42
C LEU A 346 -7.35 -8.76 0.24
N TYR A 347 -6.72 -8.76 -0.94
CA TYR A 347 -7.42 -9.20 -2.15
C TYR A 347 -7.88 -10.64 -2.06
N LYS A 348 -7.09 -11.49 -1.41
CA LYS A 348 -7.37 -12.91 -1.36
C LYS A 348 -8.35 -13.31 -0.27
N TYR A 349 -8.84 -12.35 0.52
CA TYR A 349 -9.73 -12.65 1.62
C TYR A 349 -11.14 -12.13 1.34
N LYS A 350 -12.08 -12.67 2.10
CA LYS A 350 -13.49 -12.37 1.92
C LYS A 350 -14.28 -12.97 3.06
N VAL A 351 -15.22 -12.20 3.59
CA VAL A 351 -15.95 -12.57 4.79
C VAL A 351 -17.34 -13.08 4.39
N VAL A 352 -17.61 -14.32 4.78
CA VAL A 352 -18.88 -14.98 4.54
C VAL A 352 -19.37 -15.47 5.89
N GLN A 353 -20.69 -15.68 5.99
CA GLN A 353 -21.33 -16.03 7.25
C GLN A 353 -21.84 -17.46 7.17
N ILE A 354 -21.62 -18.20 8.25
CA ILE A 354 -22.05 -19.59 8.34
C ILE A 354 -23.56 -19.63 8.55
N GLU A 355 -24.32 -19.53 7.46
CA GLU A 355 -25.76 -19.81 7.55
C GLU A 355 -26.12 -21.23 8.00
C1 NAG B . -9.59 -10.99 -13.53
C2 NAG B . -9.88 -10.08 -14.72
C3 NAG B . -11.36 -10.15 -15.07
C4 NAG B . -11.76 -11.60 -15.33
C5 NAG B . -11.35 -12.49 -14.15
C6 NAG B . -11.58 -13.96 -14.43
C7 NAG B . -8.32 -8.20 -14.81
C8 NAG B . -8.08 -6.76 -14.43
N2 NAG B . -9.49 -8.70 -14.43
O3 NAG B . -11.61 -9.36 -16.23
O4 NAG B . -13.17 -11.68 -15.50
O5 NAG B . -9.95 -12.33 -13.88
O6 NAG B . -12.94 -14.23 -14.73
O7 NAG B . -7.49 -8.85 -15.43
C1 NAG C . -4.15 -24.72 -3.16
C2 NAG C . -3.07 -25.54 -3.89
C3 NAG C . -1.66 -25.12 -3.44
C4 NAG C . -1.51 -25.13 -1.92
C5 NAG C . -2.79 -24.67 -1.26
C6 NAG C . -2.55 -23.79 -0.05
C7 NAG C . -4.29 -27.63 -4.24
C8 NAG C . -4.35 -29.10 -3.92
N2 NAG C . -3.27 -26.96 -3.69
O3 NAG C . -1.35 -23.83 -3.95
O4 NAG C . -1.18 -26.44 -1.48
O5 NAG C . -3.54 -23.90 -2.19
O6 NAG C . -3.74 -23.54 0.67
O7 NAG C . -5.13 -27.08 -4.94
C1 NAG D . 9.91 -1.58 5.69
C2 NAG D . 9.86 -0.24 6.42
C3 NAG D . 11.23 0.13 6.96
C4 NAG D . 11.79 -1.01 7.80
C5 NAG D . 11.80 -2.30 7.00
C6 NAG D . 12.25 -3.50 7.80
C7 NAG D . 8.27 1.54 5.83
C8 NAG D . 7.90 2.56 4.81
N2 NAG D . 9.36 0.80 5.54
O3 NAG D . 11.12 1.31 7.76
O4 NAG D . 13.13 -0.70 8.22
O5 NAG D . 10.46 -2.59 6.56
O6 NAG D . 11.15 -4.32 8.18
O7 NAG D . 7.63 1.37 6.86
C1 NAG E . -15.65 -0.78 -17.77
C2 NAG E . -17.13 -1.14 -17.76
C3 NAG E . -17.77 -0.81 -19.11
C4 NAG E . -17.48 0.63 -19.50
C5 NAG E . -15.98 0.90 -19.45
C6 NAG E . -15.63 2.34 -19.71
C7 NAG E . -18.22 -2.94 -16.49
C8 NAG E . -18.32 -4.42 -16.28
N2 NAG E . -17.35 -2.53 -17.42
O3 NAG E . -19.17 -1.03 -19.04
O4 NAG E . -17.96 0.89 -20.81
O5 NAG E . -15.47 0.59 -18.15
O6 NAG E . -16.28 3.21 -18.78
O7 NAG E . -18.92 -2.14 -15.87
C1 NAG F . 7.64 -12.53 -12.85
C2 NAG F . 8.61 -13.67 -13.17
C3 NAG F . 9.14 -13.53 -14.59
C4 NAG F . 7.99 -13.42 -15.59
C5 NAG F . 7.07 -12.26 -15.18
C6 NAG F . 5.86 -12.14 -16.07
C7 NAG F . 9.68 -14.42 -11.09
C8 NAG F . 10.89 -14.33 -10.23
N2 NAG F . 9.70 -13.70 -12.21
O3 NAG F . 9.95 -14.66 -14.91
O4 NAG F . 8.51 -13.16 -16.89
O5 NAG F . 6.60 -12.48 -13.85
O6 NAG F . 5.11 -10.97 -15.76
O7 NAG F . 8.70 -15.10 -10.77
C1 NAG G . 21.60 2.69 2.21
C2 NAG G . 22.69 1.63 2.36
C3 NAG G . 23.75 2.11 3.36
C4 NAG G . 24.27 3.47 2.95
C5 NAG G . 23.11 4.46 2.76
C6 NAG G . 23.56 5.79 2.23
C7 NAG G . 21.79 -0.61 1.93
C8 NAG G . 21.24 -1.87 2.54
N2 NAG G . 22.14 0.35 2.79
O3 NAG G . 24.81 1.17 3.41
O4 NAG G . 25.16 3.98 3.94
O5 NAG G . 22.17 3.92 1.83
O6 NAG G . 24.01 5.69 0.89
O7 NAG G . 21.91 -0.47 0.71
C1 NAG H . 21.89 -4.36 -9.17
C2 NAG H . 23.19 -4.74 -8.46
C3 NAG H . 23.97 -5.79 -9.29
C4 NAG H . 23.08 -6.94 -9.73
C5 NAG H . 21.83 -6.38 -10.40
C6 NAG H . 20.84 -7.45 -10.83
C7 NAG H . 24.38 -3.15 -7.01
C8 NAG H . 25.16 -1.86 -6.96
N2 NAG H . 23.98 -3.55 -8.22
O3 NAG H . 25.03 -6.33 -8.52
O4 NAG H . 23.75 -7.79 -10.63
O5 NAG H . 21.16 -5.53 -9.48
O6 NAG H . 19.98 -7.82 -9.77
O7 NAG H . 24.14 -3.80 -6.00
C1 NAG I . 10.76 15.90 -10.61
C2 NAG I . 9.83 17.11 -10.61
C3 NAG I . 9.63 17.63 -12.03
C4 NAG I . 10.96 17.80 -12.76
C5 NAG I . 11.82 16.54 -12.61
C6 NAG I . 13.18 16.73 -13.27
C7 NAG I . 7.84 17.64 -9.33
C8 NAG I . 6.57 17.12 -8.73
N2 NAG I . 8.55 16.75 -10.03
O3 NAG I . 8.96 18.89 -11.99
O4 NAG I . 10.73 18.05 -14.14
O5 NAG I . 12.00 16.24 -11.23
O6 NAG I . 14.05 17.45 -12.38
O7 NAG I . 8.19 18.80 -9.20
C1 NAG J . 12.22 -7.85 1.27
C2 NAG J . 11.65 -8.47 2.55
C3 NAG J . 12.41 -9.75 2.91
C4 NAG J . 12.45 -10.70 1.73
C5 NAG J . 13.06 -9.99 0.53
C6 NAG J . 13.07 -10.84 -0.72
C7 NAG J . 10.58 -6.99 4.18
C8 NAG J . 10.81 -6.03 5.31
N2 NAG J . 11.68 -7.53 3.65
O3 NAG J . 11.76 -10.38 4.01
O4 NAG J . 13.23 -11.85 2.05
O5 NAG J . 12.27 -8.83 0.22
O6 NAG J . 12.48 -10.16 -1.82
O7 NAG J . 9.45 -7.27 3.78
N1 EPE K . -10.96 -2.47 17.02
C2 EPE K . -11.86 -1.83 16.06
C3 EPE K . -12.21 -2.80 14.94
N4 EPE K . -11.08 -3.56 14.45
C5 EPE K . -9.99 -3.91 15.36
C6 EPE K . -9.70 -2.79 16.35
C7 EPE K . -11.25 -4.45 13.31
C8 EPE K . -11.77 -3.73 12.06
O8 EPE K . -13.16 -3.50 12.18
C9 EPE K . -10.70 -1.61 18.19
C10 EPE K . -11.00 -2.41 19.46
S EPE K . -10.97 -1.42 20.98
O1S EPE K . -9.89 -0.43 20.91
O2S EPE K . -12.25 -0.74 21.12
O3S EPE K . -10.76 -2.30 22.12
C10 A1AS8 L . -2.99 12.17 0.46
CD A1AS8 L . -11.93 8.15 1.83
NE A1AS8 L . -13.28 8.21 1.16
CZ A1AS8 L . -14.51 7.46 1.78
NH1 A1AS8 L . -15.64 7.48 1.23
NH2 A1AS8 L . -14.34 6.80 2.83
C01 A1AS8 L . -10.89 9.05 1.11
C03 A1AS8 L . -11.18 11.23 0.95
C04 A1AS8 L . -10.31 11.84 -0.16
C06 A1AS8 L . -8.02 12.41 -1.00
C08 A1AS8 L . -5.55 12.48 0.13
C09 A1AS8 L . -4.16 13.18 0.05
C13 A1AS8 L . -0.84 11.70 1.87
C14 A1AS8 L . -0.47 10.53 1.18
C15 A1AS8 L . 0.60 9.74 1.66
C17 A1AS8 L . 1.31 10.13 2.80
C19 A1AS8 L . 0.94 11.30 3.49
C20 A1AS8 L . -0.12 12.08 3.03
C21 A1AS8 L . -3.73 13.67 -1.26
C22 A1AS8 L . -4.92 14.27 -1.83
C23 A1AS8 L . -5.84 13.11 -2.24
C25 A1AS8 L . -8.69 11.67 1.55
C26 A1AS8 L . -9.32 10.39 2.15
F16 A1AS8 L . 0.96 8.62 1.01
N02 A1AS8 L . -10.65 10.17 1.69
N05 A1AS8 L . -8.93 11.95 0.14
N07 A1AS8 L . -6.52 12.64 -1.00
N12 A1AS8 L . -1.95 12.56 1.44
O11 A1AS8 L . -2.96 11.11 -0.06
O24 A1AS8 L . -8.56 12.62 -2.08
CL1 A1AS8 L . 2.66 9.13 3.38
#